data_3IOG
#
_entry.id   3IOG
#
_cell.length_a   42.727
_cell.length_b   100.877
_cell.length_c   117.559
_cell.angle_alpha   90.00
_cell.angle_beta   90.00
_cell.angle_gamma   90.00
#
_symmetry.space_group_name_H-M   'C 2 2 21'
#
loop_
_entity.id
_entity.type
_entity.pdbx_description
1 polymer Beta-lactamase
2 non-polymer 'ZINC ION'
3 non-polymer GLYCEROL
4 non-polymer 'SULFATE ION'
5 non-polymer '[(R)-(2,4-dichlorophenyl)(sulfanyl)methyl]phosphonic acid'
6 water water
#
_entity_poly.entity_id   1
_entity_poly.type   'polypeptide(L)'
_entity_poly.pdbx_seq_one_letter_code
;AGMSLTQVSGPVYVVEDNYYVQENSMVYFGAKGVTVVGATWTPDTARELHKLIKRVSRKPVLEVINTNYHTDRAGGNAYW
KSIGAKVVSTRQTRDLMKSDWAEIVAFTRKGLPEYPDLPLVLPNVVHDGDFTLQEGKVRAFYAGPAHTPDGIFVYFPDEQ
VLYGGCILKEKLGNLSFADVKAYPQTLERLKAMKLPIKTVIGGHDSPLHGPELIDHYEALIKAAPQS
;
_entity_poly.pdbx_strand_id   A
#
# COMPACT_ATOMS: atom_id res chain seq x y z
N ALA A 1 -7.80 -19.16 4.49
N ALA A 1 -6.04 -17.54 9.17
CA ALA A 1 -7.37 -19.14 3.07
CA ALA A 1 -6.45 -17.71 7.75
C ALA A 1 -6.29 -18.10 2.88
C ALA A 1 -5.33 -17.18 6.86
N GLY A 2 -5.62 -17.77 3.97
N GLY A 2 -5.34 -17.56 5.59
CA GLY A 2 -4.39 -16.99 3.91
CA GLY A 2 -4.34 -17.04 4.65
C GLY A 2 -4.48 -15.49 4.08
C GLY A 2 -4.41 -15.53 4.49
N MET A 3 -5.62 -15.00 4.55
CA MET A 3 -5.87 -13.57 4.52
C MET A 3 -7.04 -13.25 5.43
N SER A 4 -6.95 -12.12 6.12
CA SER A 4 -8.07 -11.60 6.89
C SER A 4 -8.41 -10.18 6.47
N LEU A 5 -9.67 -9.84 6.67
CA LEU A 5 -10.21 -8.52 6.39
C LEU A 5 -10.99 -8.13 7.62
N THR A 6 -10.50 -7.10 8.34
CA THR A 6 -11.08 -6.76 9.65
C THR A 6 -11.26 -5.26 9.79
N GLN A 7 -12.39 -4.87 10.32
CA GLN A 7 -12.71 -3.49 10.58
C GLN A 7 -11.72 -2.85 11.55
N VAL A 8 -11.17 -1.71 11.17
CA VAL A 8 -10.43 -0.89 12.12
C VAL A 8 -11.26 0.26 12.64
N SER A 9 -12.03 0.93 11.77
CA SER A 9 -12.90 2.03 12.19
C SER A 9 -13.91 2.29 11.10
N GLY A 10 -15.20 2.15 11.41
CA GLY A 10 -16.27 2.46 10.46
C GLY A 10 -16.05 1.71 9.14
N PRO A 11 -16.00 2.43 8.00
CA PRO A 11 -15.86 1.79 6.70
C PRO A 11 -14.43 1.40 6.36
N VAL A 12 -13.49 1.66 7.27
CA VAL A 12 -12.06 1.39 7.04
C VAL A 12 -11.67 0.04 7.61
N TYR A 13 -11.15 -0.84 6.74
CA TYR A 13 -10.78 -2.21 7.08
C TYR A 13 -9.34 -2.45 6.73
N VAL A 14 -8.72 -3.35 7.48
CA VAL A 14 -7.35 -3.74 7.23
C VAL A 14 -7.31 -5.16 6.68
N VAL A 15 -6.49 -5.33 5.65
CA VAL A 15 -6.21 -6.62 5.06
C VAL A 15 -4.88 -7.11 5.61
N GLU A 16 -4.88 -8.26 6.28
CA GLU A 16 -3.62 -8.95 6.59
C GLU A 16 -3.46 -10.08 5.59
N ASP A 17 -2.52 -9.90 4.66
CA ASP A 17 -2.27 -10.84 3.59
C ASP A 17 -1.05 -11.65 4.00
N ASN A 18 -1.28 -12.90 4.40
CA ASN A 18 -0.24 -13.75 4.98
C ASN A 18 0.50 -14.57 3.95
N TYR A 19 0.16 -14.39 2.68
CA TYR A 19 0.90 -15.04 1.59
C TYR A 19 2.30 -14.47 1.50
N TYR A 20 3.27 -15.33 1.18
CA TYR A 20 4.67 -14.91 1.00
C TYR A 20 5.15 -14.23 2.29
N VAL A 21 5.68 -13.01 2.22
CA VAL A 21 5.98 -12.27 3.44
C VAL A 21 4.75 -11.43 3.75
N GLN A 22 4.23 -11.49 4.97
CA GLN A 22 2.99 -10.79 5.30
C GLN A 22 3.05 -9.33 4.87
N GLU A 23 2.00 -8.89 4.18
CA GLU A 23 1.85 -7.49 3.83
C GLU A 23 0.45 -7.10 4.28
N ASN A 24 0.29 -5.85 4.75
CA ASN A 24 -1.02 -5.33 5.14
C ASN A 24 -1.43 -4.23 4.19
N SER A 25 -2.69 -4.30 3.79
CA SER A 25 -3.32 -3.37 2.83
C SER A 25 -4.64 -2.89 3.43
N MET A 26 -5.36 -2.03 2.72
CA MET A 26 -6.61 -1.43 3.26
C MET A 26 -7.76 -1.63 2.32
N VAL A 27 -8.97 -1.62 2.88
CA VAL A 27 -10.20 -1.56 2.10
C VAL A 27 -11.10 -0.50 2.71
N TYR A 28 -11.73 0.31 1.85
CA TYR A 28 -12.70 1.31 2.28
C TYR A 28 -14.05 0.98 1.63
N PHE A 29 -15.04 0.73 2.45
CA PHE A 29 -16.40 0.42 1.97
C PHE A 29 -17.21 1.70 1.88
N GLY A 30 -17.32 2.24 0.67
CA GLY A 30 -18.02 3.51 0.46
C GLY A 30 -19.45 3.36 0.00
N ALA A 31 -20.11 4.50 -0.18
CA ALA A 31 -21.51 4.53 -0.59
C ALA A 31 -21.75 3.94 -1.99
N LYS A 32 -20.86 4.25 -2.93
CA LYS A 32 -21.01 3.82 -4.32
C LYS A 32 -20.25 2.52 -4.58
N GLY A 33 -19.34 2.16 -3.69
CA GLY A 33 -18.50 1.02 -3.95
C GLY A 33 -17.26 1.03 -3.11
N VAL A 34 -16.39 0.10 -3.43
CA VAL A 34 -15.24 -0.26 -2.59
C VAL A 34 -13.93 0.25 -3.20
N THR A 35 -13.09 0.85 -2.36
CA THR A 35 -11.72 1.22 -2.75
C THR A 35 -10.73 0.33 -2.02
N VAL A 36 -9.83 -0.28 -2.77
CA VAL A 36 -8.76 -1.12 -2.19
C VAL A 36 -7.46 -0.32 -2.23
N VAL A 37 -6.72 -0.32 -1.14
CA VAL A 37 -5.44 0.41 -1.09
C VAL A 37 -4.35 -0.62 -0.91
N GLY A 38 -3.58 -0.84 -1.97
CA GLY A 38 -2.61 -1.94 -2.05
C GLY A 38 -3.25 -3.10 -2.78
N ALA A 39 -2.70 -3.49 -3.92
CA ALA A 39 -3.32 -4.53 -4.76
C ALA A 39 -3.13 -5.95 -4.27
N THR A 40 -2.28 -6.14 -3.26
CA THR A 40 -1.85 -7.46 -2.71
C THR A 40 -0.84 -8.11 -3.64
N TRP A 41 -0.27 -9.23 -3.18
CA TRP A 41 0.89 -9.84 -3.84
C TRP A 41 0.69 -10.36 -5.25
N THR A 42 -0.43 -11.04 -5.53
CA THR A 42 -0.59 -11.70 -6.85
C THR A 42 -2.04 -11.64 -7.27
N PRO A 43 -2.33 -11.99 -8.54
CA PRO A 43 -3.73 -12.07 -8.93
C PRO A 43 -4.51 -13.06 -8.06
N ASP A 44 -3.87 -14.15 -7.63
CA ASP A 44 -4.54 -15.11 -6.73
C ASP A 44 -4.83 -14.49 -5.35
N THR A 45 -3.89 -13.76 -4.75
CA THR A 45 -4.20 -13.12 -3.47
C THR A 45 -5.27 -12.05 -3.64
N ALA A 46 -5.27 -11.36 -4.78
CA ALA A 46 -6.32 -10.37 -5.06
C ALA A 46 -7.69 -11.03 -5.11
N ARG A 47 -7.77 -12.20 -5.73
CA ARG A 47 -9.02 -12.93 -5.79
C ARG A 47 -9.45 -13.34 -4.37
N GLU A 48 -8.50 -13.75 -3.52
CA GLU A 48 -8.83 -14.08 -2.12
C GLU A 48 -9.37 -12.86 -1.38
N LEU A 49 -8.79 -11.69 -1.61
CA LEU A 49 -9.33 -10.47 -0.99
C LEU A 49 -10.73 -10.18 -1.52
N HIS A 50 -10.93 -10.33 -2.83
CA HIS A 50 -12.25 -10.08 -3.39
C HIS A 50 -13.30 -11.00 -2.77
N LYS A 51 -12.94 -12.27 -2.56
CA LYS A 51 -13.86 -13.20 -1.90
C LYS A 51 -14.25 -12.68 -0.52
N LEU A 52 -13.29 -12.13 0.23
CA LEU A 52 -13.65 -11.57 1.54
C LEU A 52 -14.53 -10.32 1.42
N ILE A 53 -14.22 -9.46 0.46
CA ILE A 53 -15.02 -8.26 0.21
C ILE A 53 -16.48 -8.62 -0.07
N LYS A 54 -16.71 -9.66 -0.87
CA LYS A 54 -18.09 -10.05 -1.25
C LYS A 54 -18.88 -10.61 -0.07
N ARG A 55 -18.22 -11.04 1.00
CA ARG A 55 -18.95 -11.42 2.21
C ARG A 55 -19.41 -10.20 3.02
N VAL A 56 -18.87 -9.02 2.71
CA VAL A 56 -19.19 -7.78 3.44
C VAL A 56 -20.14 -6.89 2.63
N SER A 57 -19.94 -6.80 1.32
CA SER A 57 -20.68 -5.86 0.49
C SER A 57 -20.88 -6.41 -0.90
N ARG A 58 -22.04 -6.08 -1.47
CA ARG A 58 -22.32 -6.40 -2.87
C ARG A 58 -21.92 -5.26 -3.81
N LYS A 59 -21.46 -4.13 -3.26
CA LYS A 59 -21.14 -2.98 -4.09
C LYS A 59 -19.86 -3.23 -4.91
N PRO A 60 -19.77 -2.59 -6.09
CA PRO A 60 -18.62 -2.88 -6.94
C PRO A 60 -17.29 -2.45 -6.34
N VAL A 61 -16.24 -3.20 -6.68
CA VAL A 61 -14.88 -2.72 -6.43
C VAL A 61 -14.54 -1.67 -7.50
N LEU A 62 -14.47 -0.41 -7.07
CA LEU A 62 -14.32 0.72 -7.98
C LEU A 62 -12.89 0.91 -8.44
N GLU A 63 -11.96 0.83 -7.49
CA GLU A 63 -10.57 1.15 -7.80
C GLU A 63 -9.66 0.53 -6.76
N VAL A 64 -8.43 0.31 -7.20
CA VAL A 64 -7.35 -0.21 -6.38
C VAL A 64 -6.16 0.71 -6.54
N ILE A 65 -5.58 1.14 -5.43
CA ILE A 65 -4.41 2.04 -5.48
C ILE A 65 -3.11 1.27 -5.33
N ASN A 66 -2.17 1.51 -6.25
CA ASN A 66 -0.80 1.02 -6.10
C ASN A 66 -0.02 2.11 -5.36
N THR A 67 0.29 1.86 -4.09
CA THR A 67 1.00 2.86 -3.28
C THR A 67 2.50 2.96 -3.60
N ASN A 68 3.03 1.95 -4.29
CA ASN A 68 4.33 2.04 -4.97
C ASN A 68 4.29 1.04 -6.12
N TYR A 69 5.41 0.93 -6.83
CA TYR A 69 5.49 0.07 -8.03
C TYR A 69 5.88 -1.39 -7.71
N HIS A 70 6.08 -1.73 -6.43
CA HIS A 70 6.56 -3.07 -6.06
C HIS A 70 5.48 -4.14 -6.13
N THR A 71 5.96 -5.39 -6.17
CA THR A 71 5.12 -6.56 -6.28
C THR A 71 4.12 -6.69 -5.12
N ASP A 72 4.50 -6.27 -3.90
CA ASP A 72 3.55 -6.42 -2.78
C ASP A 72 2.45 -5.37 -2.80
N ARG A 73 2.58 -4.35 -3.64
CA ARG A 73 1.53 -3.29 -3.76
C ARG A 73 0.82 -3.31 -5.12
N ALA A 74 1.37 -4.01 -6.11
CA ALA A 74 0.83 -4.01 -7.46
C ALA A 74 0.64 -5.39 -8.06
N GLY A 75 1.07 -6.44 -7.37
CA GLY A 75 1.00 -7.78 -7.98
C GLY A 75 -0.40 -8.26 -8.28
N GLY A 76 -1.40 -7.79 -7.53
CA GLY A 76 -2.78 -8.17 -7.83
C GLY A 76 -3.43 -7.49 -9.03
N ASN A 77 -2.73 -6.55 -9.67
CA ASN A 77 -3.34 -5.70 -10.70
C ASN A 77 -4.09 -6.46 -11.78
N ALA A 78 -3.54 -7.57 -12.28
CA ALA A 78 -4.23 -8.28 -13.37
C ALA A 78 -5.65 -8.70 -12.96
N TYR A 79 -5.82 -9.14 -11.70
CA TYR A 79 -7.14 -9.53 -11.23
C TYR A 79 -8.08 -8.32 -11.14
N TRP A 80 -7.61 -7.24 -10.54
CA TRP A 80 -8.44 -6.07 -10.40
C TRP A 80 -8.89 -5.53 -11.76
N LYS A 81 -7.98 -5.45 -12.73
CA LYS A 81 -8.39 -5.06 -14.09
C LYS A 81 -9.44 -5.99 -14.65
N SER A 82 -9.25 -7.29 -14.42
CA SER A 82 -10.15 -8.29 -15.00
C SER A 82 -11.59 -8.17 -14.52
N ILE A 83 -11.79 -7.62 -13.32
CA ILE A 83 -13.14 -7.42 -12.78
C ILE A 83 -13.65 -6.02 -13.02
N GLY A 84 -12.90 -5.23 -13.78
CA GLY A 84 -13.33 -3.89 -14.17
C GLY A 84 -13.03 -2.80 -13.16
N ALA A 85 -12.21 -3.08 -12.15
CA ALA A 85 -11.78 -2.03 -11.23
C ALA A 85 -10.69 -1.20 -11.90
N LYS A 86 -10.70 0.10 -11.64
CA LYS A 86 -9.58 0.96 -12.04
C LYS A 86 -8.36 0.64 -11.22
N VAL A 87 -7.19 0.75 -11.80
CA VAL A 87 -5.93 0.64 -11.08
C VAL A 87 -5.30 2.02 -11.07
N VAL A 88 -5.09 2.55 -9.88
CA VAL A 88 -4.76 3.98 -9.70
C VAL A 88 -3.39 4.15 -9.10
N SER A 89 -2.61 5.10 -9.63
CA SER A 89 -1.33 5.44 -9.01
C SER A 89 -0.96 6.86 -9.37
N THR A 90 0.15 7.33 -8.81
CA THR A 90 0.76 8.56 -9.34
C THR A 90 1.45 8.28 -10.68
N ARG A 91 1.70 9.33 -11.45
CA ARG A 91 2.46 9.15 -12.69
C ARG A 91 3.84 8.60 -12.41
N GLN A 92 4.49 9.09 -11.36
CA GLN A 92 5.80 8.60 -11.00
C GLN A 92 5.77 7.07 -10.76
N THR A 93 4.79 6.60 -9.99
CA THR A 93 4.68 5.15 -9.75
C THR A 93 4.50 4.39 -11.05
N ARG A 94 3.62 4.89 -11.93
CA ARG A 94 3.38 4.19 -13.16
C ARG A 94 4.63 4.14 -14.03
N ASP A 95 5.34 5.24 -14.12
CA ASP A 95 6.54 5.28 -14.96
C ASP A 95 7.62 4.36 -14.41
N LEU A 96 7.79 4.33 -13.10
CA LEU A 96 8.75 3.41 -12.48
C LEU A 96 8.35 1.96 -12.66
N MET A 97 7.06 1.68 -12.58
CA MET A 97 6.58 0.34 -12.86
C MET A 97 6.91 -0.09 -14.28
N LYS A 98 6.69 0.80 -15.24
CA LYS A 98 7.00 0.46 -16.64
C LYS A 98 8.47 0.09 -16.82
N SER A 99 9.36 0.89 -16.25
CA SER A 99 10.77 0.64 -16.46
C SER A 99 11.34 -0.49 -15.59
N ASP A 100 10.78 -0.68 -14.39
CA ASP A 100 11.46 -1.49 -13.38
C ASP A 100 10.69 -2.74 -12.96
N TRP A 101 9.51 -2.97 -13.51
CA TRP A 101 8.72 -4.15 -13.11
C TRP A 101 9.51 -5.45 -13.28
N ALA A 102 10.15 -5.64 -14.42
CA ALA A 102 10.93 -6.86 -14.60
C ALA A 102 11.99 -7.04 -13.51
N GLU A 103 12.67 -5.96 -13.18
CA GLU A 103 13.69 -5.99 -12.12
C GLU A 103 13.07 -6.33 -10.76
N ILE A 104 11.94 -5.72 -10.43
CA ILE A 104 11.34 -6.00 -9.12
C ILE A 104 10.76 -7.42 -9.05
N VAL A 105 10.18 -7.91 -10.14
CA VAL A 105 9.74 -9.31 -10.16
C VAL A 105 10.94 -10.26 -9.95
N ALA A 106 12.05 -10.01 -10.66
CA ALA A 106 13.24 -10.83 -10.48
C ALA A 106 13.77 -10.76 -9.04
N PHE A 107 13.77 -9.58 -8.44
CA PHE A 107 14.24 -9.40 -7.07
C PHE A 107 13.33 -10.15 -6.10
N THR A 108 12.03 -10.07 -6.35
CA THR A 108 11.04 -10.76 -5.53
C THR A 108 11.25 -12.27 -5.60
N ARG A 109 11.47 -12.76 -6.82
CA ARG A 109 11.68 -14.21 -7.02
C ARG A 109 13.00 -14.70 -6.46
N LYS A 110 13.99 -13.83 -6.32
CA LYS A 110 15.23 -14.22 -5.64
C LYS A 110 14.96 -14.59 -4.17
N GLY A 111 14.15 -13.78 -3.49
CA GLY A 111 13.78 -14.05 -2.11
C GLY A 111 12.69 -15.09 -1.96
N LEU A 112 11.79 -15.14 -2.95
CA LEU A 112 10.58 -15.98 -2.91
C LEU A 112 10.50 -16.75 -4.22
N PRO A 113 11.28 -17.84 -4.34
CA PRO A 113 11.30 -18.53 -5.64
C PRO A 113 9.92 -19.04 -6.11
N GLU A 114 9.04 -19.32 -5.16
CA GLU A 114 7.68 -19.75 -5.42
C GLU A 114 6.80 -18.65 -6.04
N TYR A 115 7.25 -17.39 -5.99
CA TYR A 115 6.44 -16.27 -6.48
C TYR A 115 6.36 -16.31 -8.01
N PRO A 116 5.17 -16.05 -8.58
CA PRO A 116 5.04 -16.17 -10.04
C PRO A 116 5.75 -15.09 -10.85
N ASP A 117 6.09 -15.43 -12.09
CA ASP A 117 6.71 -14.46 -13.01
C ASP A 117 5.63 -13.63 -13.67
N LEU A 118 5.14 -12.63 -12.96
CA LEU A 118 3.94 -11.89 -13.37
C LEU A 118 4.20 -10.90 -14.49
N PRO A 119 3.36 -10.91 -15.53
CA PRO A 119 3.52 -9.86 -16.56
C PRO A 119 3.14 -8.49 -15.99
N LEU A 120 3.71 -7.47 -16.60
CA LEU A 120 3.44 -6.09 -16.27
C LEU A 120 1.97 -5.76 -16.50
N VAL A 121 1.35 -5.15 -15.48
CA VAL A 121 -0.01 -4.64 -15.60
C VAL A 121 0.00 -3.24 -15.00
N LEU A 122 -0.09 -2.23 -15.86
CA LEU A 122 0.07 -0.83 -15.45
C LEU A 122 -1.23 -0.24 -14.93
N PRO A 123 -1.12 0.74 -14.01
CA PRO A 123 -2.27 1.56 -13.67
C PRO A 123 -2.92 2.18 -14.90
N ASN A 124 -4.25 2.25 -14.92
CA ASN A 124 -4.97 2.93 -15.99
C ASN A 124 -5.59 4.25 -15.57
N VAL A 125 -5.41 4.64 -14.32
CA VAL A 125 -5.79 5.98 -13.86
C VAL A 125 -4.55 6.52 -13.16
N VAL A 126 -4.00 7.61 -13.67
CA VAL A 126 -2.70 8.14 -13.24
C VAL A 126 -2.91 9.59 -12.79
N HIS A 127 -2.33 9.95 -11.67
CA HIS A 127 -2.44 11.31 -11.17
C HIS A 127 -1.10 12.01 -11.12
N ASP A 128 -1.07 13.27 -11.52
CA ASP A 128 0.16 14.05 -11.46
C ASP A 128 0.44 14.70 -10.12
N GLY A 129 -0.57 14.79 -9.25
CA GLY A 129 -0.38 15.34 -7.91
C GLY A 129 -1.01 14.47 -6.88
N ASP A 130 -1.40 15.08 -5.77
CA ASP A 130 -2.13 14.36 -4.75
C ASP A 130 -3.54 14.15 -5.26
N PHE A 131 -4.25 13.17 -4.72
CA PHE A 131 -5.58 12.88 -5.21
C PHE A 131 -6.46 12.28 -4.14
N THR A 132 -7.76 12.42 -4.31
CA THR A 132 -8.72 11.85 -3.37
C THR A 132 -9.74 10.96 -4.04
N LEU A 133 -10.31 10.07 -3.24
CA LEU A 133 -11.36 9.18 -3.67
C LEU A 133 -12.47 9.17 -2.63
N GLN A 134 -13.60 8.56 -2.94
CA GLN A 134 -14.68 8.39 -1.96
C GLN A 134 -15.15 9.72 -1.36
N GLU A 135 -15.42 10.67 -2.25
CA GLU A 135 -15.93 12.00 -1.85
C GLU A 135 -15.01 12.67 -0.83
N GLY A 136 -13.71 12.51 -1.05
CA GLY A 136 -12.71 13.14 -0.21
C GLY A 136 -12.36 12.40 1.08
N LYS A 137 -12.92 11.20 1.26
CA LYS A 137 -12.69 10.46 2.50
C LYS A 137 -11.48 9.51 2.44
N VAL A 138 -10.89 9.39 1.25
CA VAL A 138 -9.65 8.61 1.05
C VAL A 138 -8.69 9.57 0.35
N ARG A 139 -7.59 9.92 1.00
CA ARG A 139 -6.75 11.03 0.54
C ARG A 139 -5.31 10.58 0.36
N ALA A 140 -4.87 10.51 -0.89
CA ALA A 140 -3.54 10.02 -1.24
C ALA A 140 -2.59 11.19 -1.46
N PHE A 141 -1.38 11.09 -0.96
CA PHE A 141 -0.41 12.16 -1.12
C PHE A 141 1.03 11.70 -1.11
N TYR A 142 1.86 12.50 -1.77
CA TYR A 142 3.31 12.30 -1.84
C TYR A 142 3.98 13.28 -0.89
N ALA A 143 4.91 12.79 -0.06
CA ALA A 143 5.66 13.65 0.86
C ALA A 143 7.17 13.50 0.68
N GLY A 144 7.57 12.91 -0.45
CA GLY A 144 8.99 12.73 -0.75
C GLY A 144 9.40 11.27 -0.80
N PRO A 145 10.64 11.04 -1.27
CA PRO A 145 11.15 9.68 -1.43
C PRO A 145 11.49 9.05 -0.08
N ALA A 146 11.44 7.73 -0.01
CA ALA A 146 11.72 7.06 1.24
C ALA A 146 12.12 5.61 0.96
N HIS A 147 11.22 4.67 1.23
CA HIS A 147 11.46 3.26 0.99
C HIS A 147 11.68 2.98 -0.51
N THR A 148 10.91 3.69 -1.34
CA THR A 148 11.20 3.77 -2.78
C THR A 148 11.11 5.25 -3.16
N PRO A 149 11.44 5.60 -4.41
CA PRO A 149 11.34 7.02 -4.74
C PRO A 149 9.91 7.55 -4.74
N ASP A 150 8.96 6.65 -4.95
CA ASP A 150 7.59 7.01 -5.36
C ASP A 150 6.52 6.78 -4.31
N GLY A 151 6.83 6.09 -3.22
CA GLY A 151 5.76 5.63 -2.32
C GLY A 151 4.89 6.76 -1.82
N ILE A 152 3.58 6.52 -1.79
CA ILE A 152 2.63 7.50 -1.31
C ILE A 152 1.96 7.05 -0.01
N PHE A 153 1.38 8.02 0.69
CA PHE A 153 0.58 7.80 1.88
C PHE A 153 -0.88 7.90 1.51
N VAL A 154 -1.72 7.20 2.27
CA VAL A 154 -3.17 7.34 2.14
C VAL A 154 -3.77 7.59 3.52
N TYR A 155 -4.53 8.68 3.64
CA TYR A 155 -5.07 9.14 4.90
C TYR A 155 -6.60 9.09 4.83
N PHE A 156 -7.22 8.65 5.94
CA PHE A 156 -8.66 8.55 6.04
C PHE A 156 -9.08 9.54 7.12
N PRO A 157 -9.50 10.76 6.73
CA PRO A 157 -9.70 11.81 7.74
C PRO A 157 -10.82 11.55 8.74
N ASP A 158 -11.91 10.90 8.33
CA ASP A 158 -13.02 10.67 9.27
C ASP A 158 -12.58 9.77 10.42
N GLU A 159 -11.74 8.79 10.08
CA GLU A 159 -11.36 7.75 11.03
C GLU A 159 -9.99 8.01 11.65
N GLN A 160 -9.31 9.03 11.15
CA GLN A 160 -7.95 9.40 11.60
C GLN A 160 -6.99 8.20 11.50
N VAL A 161 -7.02 7.56 10.34
CA VAL A 161 -6.17 6.42 10.05
C VAL A 161 -5.20 6.83 8.95
N LEU A 162 -3.92 6.55 9.16
CA LEU A 162 -2.88 6.77 8.14
C LEU A 162 -2.31 5.44 7.71
N TYR A 163 -2.26 5.22 6.41
CA TYR A 163 -1.58 4.09 5.80
C TYR A 163 -0.38 4.58 4.99
N GLY A 164 0.77 3.96 5.16
CA GLY A 164 1.95 4.35 4.36
C GLY A 164 2.49 3.21 3.52
N GLY A 165 1.71 2.14 3.31
CA GLY A 165 2.23 0.97 2.58
C GLY A 165 3.53 0.51 3.20
N CYS A 166 4.54 0.31 2.37
CA CYS A 166 5.83 -0.20 2.82
C CYS A 166 6.66 0.81 3.62
N ILE A 167 6.22 2.06 3.68
CA ILE A 167 7.02 3.10 4.34
C ILE A 167 7.06 2.91 5.86
N LEU A 168 5.96 2.44 6.45
CA LEU A 168 5.84 2.36 7.91
C LEU A 168 5.60 0.92 8.31
N LYS A 169 6.36 0.45 9.29
CA LYS A 169 6.35 -0.95 9.71
C LYS A 169 7.23 -1.05 10.96
N GLU A 170 7.36 -2.26 11.52
CA GLU A 170 8.12 -2.45 12.78
C GLU A 170 9.58 -2.71 12.57
N LYS A 171 9.92 -3.48 11.55
CA LYS A 171 11.30 -3.84 11.27
C LYS A 171 11.90 -2.97 10.17
N LEU A 172 13.22 -2.78 10.21
CA LEU A 172 13.92 -1.93 9.24
C LEU A 172 13.63 -2.33 7.79
N GLY A 173 13.70 -3.62 7.49
CA GLY A 173 13.40 -4.13 6.15
C GLY A 173 14.46 -3.85 5.11
N ASN A 174 14.09 -4.04 3.84
CA ASN A 174 15.01 -3.88 2.72
C ASN A 174 15.16 -2.42 2.34
N LEU A 175 16.41 -2.02 2.15
CA LEU A 175 16.72 -0.64 1.81
C LEU A 175 17.33 -0.51 0.42
N SER A 176 17.30 -1.59 -0.37
CA SER A 176 17.98 -1.56 -1.66
C SER A 176 17.38 -0.61 -2.70
N PHE A 177 16.13 -0.17 -2.46
CA PHE A 177 15.49 0.79 -3.36
C PHE A 177 15.28 2.13 -2.68
N ALA A 178 15.78 2.22 -1.46
CA ALA A 178 15.51 3.36 -0.60
C ALA A 178 16.46 4.53 -0.79
N ASP A 179 15.96 5.71 -0.44
CA ASP A 179 16.81 6.87 -0.24
C ASP A 179 16.94 7.01 1.27
N VAL A 180 18.02 6.46 1.81
CA VAL A 180 18.19 6.35 3.26
C VAL A 180 18.25 7.74 3.95
N LYS A 181 18.97 8.71 3.38
CA LYS A 181 18.99 10.04 3.97
C LYS A 181 17.67 10.80 3.80
N ALA A 182 16.98 10.62 2.69
CA ALA A 182 15.68 11.29 2.52
C ALA A 182 14.58 10.69 3.39
N TYR A 183 14.68 9.39 3.71
CA TYR A 183 13.62 8.69 4.42
C TYR A 183 13.12 9.45 5.67
N PRO A 184 14.03 9.79 6.62
CA PRO A 184 13.50 10.52 7.79
C PRO A 184 13.01 11.91 7.44
N GLN A 185 13.58 12.52 6.39
CA GLN A 185 13.11 13.83 5.94
C GLN A 185 11.67 13.76 5.42
N THR A 186 11.34 12.65 4.75
CA THR A 186 9.96 12.41 4.33
C THR A 186 9.04 12.18 5.53
N LEU A 187 9.51 11.41 6.50
CA LEU A 187 8.71 11.21 7.71
C LEU A 187 8.49 12.52 8.47
N GLU A 188 9.49 13.39 8.47
CA GLU A 188 9.31 14.69 9.12
C GLU A 188 8.41 15.62 8.30
N ARG A 189 8.47 15.56 6.97
CA ARG A 189 7.50 16.33 6.17
C ARG A 189 6.08 15.83 6.44
N LEU A 190 5.92 14.52 6.59
CA LEU A 190 4.64 13.92 6.97
C LEU A 190 4.15 14.47 8.31
N LYS A 191 5.00 14.41 9.32
CA LYS A 191 4.59 14.85 10.66
C LYS A 191 4.25 16.33 10.66
N ALA A 192 4.96 17.12 9.84
CA ALA A 192 4.74 18.57 9.80
C ALA A 192 3.37 18.94 9.23
N MET A 193 2.71 18.01 8.53
CA MET A 193 1.34 18.24 8.06
C MET A 193 0.34 18.32 9.22
N LYS A 194 0.73 17.80 10.38
CA LYS A 194 -0.14 17.80 11.58
C LYS A 194 -1.52 17.18 11.32
N LEU A 195 -1.55 16.08 10.59
CA LEU A 195 -2.80 15.38 10.40
C LEU A 195 -3.26 14.75 11.72
N PRO A 196 -4.56 14.89 12.06
CA PRO A 196 -5.09 14.14 13.20
C PRO A 196 -4.97 12.63 12.94
N ILE A 197 -4.17 11.95 13.76
CA ILE A 197 -3.92 10.52 13.56
C ILE A 197 -4.11 9.77 14.86
N LYS A 198 -5.06 8.85 14.86
CA LYS A 198 -5.28 7.90 15.95
C LYS A 198 -4.58 6.57 15.69
N THR A 199 -4.57 6.16 14.42
CA THR A 199 -4.12 4.84 14.02
C THR A 199 -3.20 4.94 12.83
N VAL A 200 -2.05 4.25 12.90
CA VAL A 200 -1.20 4.05 11.72
C VAL A 200 -1.22 2.56 11.43
N ILE A 201 -1.51 2.22 10.17
CA ILE A 201 -1.48 0.85 9.73
C ILE A 201 -0.14 0.57 9.08
N GLY A 202 0.67 -0.27 9.72
CA GLY A 202 1.95 -0.66 9.15
C GLY A 202 1.74 -1.58 7.96
N GLY A 203 2.59 -1.45 6.93
CA GLY A 203 2.48 -2.23 5.69
C GLY A 203 3.07 -3.62 5.76
N HIS A 204 3.82 -3.89 6.82
CA HIS A 204 4.36 -5.22 7.11
C HIS A 204 4.35 -5.32 8.62
N ASP A 205 4.67 -6.51 9.13
CA ASP A 205 4.62 -6.80 10.57
C ASP A 205 3.16 -6.64 11.05
N SER A 206 2.95 -6.47 12.34
CA SER A 206 1.57 -6.36 12.85
C SER A 206 1.00 -4.99 12.45
N PRO A 207 -0.19 -4.95 11.86
CA PRO A 207 -0.66 -3.69 11.30
C PRO A 207 -1.05 -2.60 12.29
N LEU A 208 -1.68 -2.95 13.41
CA LEU A 208 -2.37 -1.95 14.24
C LEU A 208 -1.42 -1.23 15.17
N HIS A 209 -1.24 0.07 14.92
CA HIS A 209 -0.35 0.92 15.73
C HIS A 209 -0.98 2.27 15.92
N GLY A 210 -0.41 3.03 16.85
CA GLY A 210 -0.75 4.46 16.98
C GLY A 210 0.23 5.30 16.18
N PRO A 211 0.14 6.64 16.33
CA PRO A 211 1.00 7.55 15.58
C PRO A 211 2.49 7.31 15.84
N GLU A 212 2.80 6.70 16.97
CA GLU A 212 4.18 6.44 17.36
C GLU A 212 4.93 5.51 16.41
N LEU A 213 4.22 4.74 15.58
CA LEU A 213 4.91 3.92 14.59
C LEU A 213 5.79 4.77 13.67
N ILE A 214 5.35 6.00 13.37
CA ILE A 214 6.18 6.92 12.56
C ILE A 214 7.52 7.20 13.24
N ASP A 215 7.47 7.55 14.52
CA ASP A 215 8.68 7.88 15.29
C ASP A 215 9.54 6.64 15.49
N HIS A 216 8.88 5.48 15.66
CA HIS A 216 9.60 4.22 15.81
C HIS A 216 10.44 3.93 14.57
N TYR A 217 9.80 4.00 13.40
CA TYR A 217 10.52 3.70 12.18
C TYR A 217 11.58 4.76 11.88
N GLU A 218 11.25 6.02 12.15
CA GLU A 218 12.22 7.10 11.95
C GLU A 218 13.52 6.85 12.73
N ALA A 219 13.39 6.43 13.98
CA ALA A 219 14.59 6.16 14.77
C ALA A 219 15.40 5.00 14.17
N LEU A 220 14.71 3.98 13.67
CA LEU A 220 15.41 2.85 13.03
C LEU A 220 16.18 3.25 11.77
N ILE A 221 15.54 4.01 10.90
CA ILE A 221 16.18 4.36 9.63
C ILE A 221 17.34 5.33 9.82
N LYS A 222 17.28 6.15 10.87
CA LYS A 222 18.40 7.04 11.17
C LYS A 222 19.64 6.30 11.69
N ALA A 223 19.47 5.07 12.17
CA ALA A 223 20.59 4.26 12.63
C ALA A 223 21.10 3.31 11.53
N ALA A 224 20.39 3.27 10.40
CA ALA A 224 20.69 2.35 9.29
C ALA A 224 22.01 2.70 8.59
N PRO A 225 22.60 1.72 7.87
CA PRO A 225 23.73 2.06 7.00
C PRO A 225 23.32 3.05 5.91
N GLN A 226 24.20 4.00 5.62
CA GLN A 226 23.98 5.09 4.64
C GLN A 226 23.16 6.26 5.19
N SER A 227 22.90 6.27 6.50
CA SER A 227 22.16 7.36 7.13
C SER A 227 23.02 8.61 7.31
#